data_3K2P
#
_entry.id   3K2P
#
_cell.length_a   51.143
_cell.length_b   51.143
_cell.length_c   112.435
_cell.angle_alpha   90.00
_cell.angle_beta   90.00
_cell.angle_gamma   120.00
#
_symmetry.space_group_name_H-M   'P 31'
#
loop_
_entity.id
_entity.type
_entity.pdbx_description
1 polymer 'Reverse Transcriptase'
2 non-polymer 'MANGANESE (II) ION'
3 non-polymer 2,7-dihydroxy-4-(propan-2-yl)cyclohepta-2,4,6-trien-1-one
4 water water
#
_entity_poly.entity_id   1
_entity_poly.type   'polypeptide(L)'
_entity_poly.pdbx_seq_one_letter_code
;ALYQLEKEPIVGAETFYVDGAANRETKLGKAGYVTNKGRQKVVPLTNTTNQKTELQAIYLALQDSGLEVNIVTDSQYALG
IIQAQPDKSESELVNQIIEQLIKKEKVYLAWVPAHKGIGGNEQVDKLVSAGIRKIL
;
_entity_poly.pdbx_strand_id   A,B
#
loop_
_chem_comp.id
_chem_comp.type
_chem_comp.name
_chem_comp.formula
JTH non-polymer 2,7-dihydroxy-4-(propan-2-yl)cyclohepta-2,4,6-trien-1-one 'C10 H12 O3'
MN non-polymer 'MANGANESE (II) ION' 'Mn 2'
#
# COMPACT_ATOMS: atom_id res chain seq x y z
N TYR A 3 -7.01 -12.33 -12.33
CA TYR A 3 -7.09 -13.03 -11.01
C TYR A 3 -8.09 -12.47 -9.94
N GLN A 4 -8.43 -13.33 -8.99
CA GLN A 4 -9.33 -13.01 -7.88
C GLN A 4 -8.72 -13.47 -6.53
N LEU A 5 -9.01 -12.75 -5.44
CA LEU A 5 -8.49 -13.09 -4.11
C LEU A 5 -9.58 -13.71 -3.25
N GLU A 6 -9.24 -14.75 -2.49
CA GLU A 6 -10.16 -15.30 -1.50
C GLU A 6 -10.59 -14.28 -0.45
N LYS A 7 -11.85 -14.37 -0.03
CA LYS A 7 -12.29 -13.49 1.01
C LYS A 7 -11.90 -13.98 2.39
N GLU A 8 -11.63 -15.28 2.51
CA GLU A 8 -11.24 -15.88 3.78
C GLU A 8 -10.14 -16.94 3.57
N PRO A 9 -9.41 -17.30 4.63
CA PRO A 9 -8.33 -18.30 4.54
C PRO A 9 -8.69 -19.65 3.92
N ILE A 10 -7.80 -20.21 3.09
CA ILE A 10 -7.97 -21.55 2.58
C ILE A 10 -7.54 -22.57 3.70
N VAL A 11 -8.51 -23.18 4.38
CA VAL A 11 -8.18 -24.12 5.45
C VAL A 11 -7.35 -25.30 4.91
N GLY A 12 -6.20 -25.61 5.53
CA GLY A 12 -5.41 -26.72 5.02
C GLY A 12 -4.33 -26.30 4.02
N ALA A 13 -4.44 -25.11 3.43
CA ALA A 13 -3.44 -24.64 2.50
C ALA A 13 -2.26 -24.13 3.26
N GLU A 14 -1.05 -24.42 2.77
CA GLU A 14 0.16 -23.90 3.36
C GLU A 14 0.07 -22.34 3.36
N THR A 15 0.45 -21.79 4.49
CA THR A 15 0.41 -20.36 4.82
C THR A 15 1.84 -19.91 4.87
N PHE A 16 2.14 -18.96 4.02
CA PHE A 16 3.42 -18.31 3.99
C PHE A 16 3.42 -16.95 4.74
N TYR A 17 4.23 -16.83 5.78
CA TYR A 17 4.39 -15.54 6.40
C TYR A 17 5.58 -14.90 5.68
N VAL A 18 5.39 -13.72 5.06
CA VAL A 18 6.44 -13.02 4.28
C VAL A 18 6.91 -11.77 5.00
N ASP A 19 8.12 -11.34 4.67
CA ASP A 19 8.69 -10.12 5.20
C ASP A 19 9.98 -9.80 4.41
N GLY A 20 10.33 -8.51 4.42
CA GLY A 20 11.54 -7.94 3.84
C GLY A 20 12.19 -7.00 4.88
N ALA A 21 13.47 -6.72 4.66
CA ALA A 21 14.23 -5.69 5.36
C ALA A 21 15.27 -5.13 4.40
N ALA A 22 15.38 -3.81 4.44
CA ALA A 22 16.41 -3.15 3.64
C ALA A 22 17.13 -2.12 4.47
N ASN A 23 18.38 -1.95 4.11
CA ASN A 23 19.24 -0.96 4.75
C ASN A 23 19.25 0.28 3.85
N ARG A 24 18.88 1.43 4.43
CA ARG A 24 18.76 2.69 3.66
C ARG A 24 20.16 3.13 3.11
N GLU A 25 21.10 3.28 4.04
CA GLU A 25 22.47 3.63 3.72
C GLU A 25 23.05 2.78 2.63
N THR A 26 22.95 1.46 2.81
CA THR A 26 23.67 0.49 1.95
C THR A 26 22.82 -0.02 0.82
N LYS A 27 21.47 0.06 0.99
CA LYS A 27 20.54 -0.48 -0.02
C LYS A 27 20.56 -2.04 -0.19
N LEU A 28 21.20 -2.69 0.76
CA LEU A 28 21.29 -4.14 0.76
C LEU A 28 20.02 -4.60 1.49
N GLY A 29 19.48 -5.75 1.11
CA GLY A 29 18.25 -6.23 1.77
C GLY A 29 18.11 -7.75 1.80
N LYS A 30 17.04 -8.22 2.43
CA LYS A 30 16.68 -9.66 2.47
C LYS A 30 15.17 -9.74 2.31
N ALA A 31 14.72 -10.67 1.47
CA ALA A 31 13.30 -11.06 1.42
C ALA A 31 13.18 -12.47 1.85
N GLY A 32 12.14 -12.81 2.59
CA GLY A 32 11.97 -14.28 2.77
C GLY A 32 10.58 -14.66 3.21
N TYR A 33 10.45 -15.92 3.63
CA TYR A 33 9.21 -16.39 4.24
C TYR A 33 9.51 -17.53 5.18
N VAL A 34 8.48 -17.86 5.97
CA VAL A 34 8.43 -18.97 6.92
C VAL A 34 6.98 -19.50 6.76
N THR A 35 6.79 -20.83 6.61
CA THR A 35 5.45 -21.41 6.45
C THR A 35 4.99 -22.23 7.67
N ASN A 36 3.67 -22.48 7.76
CA ASN A 36 3.21 -23.27 8.91
C ASN A 36 3.73 -24.71 8.82
N LYS A 37 4.23 -25.11 7.63
CA LYS A 37 4.80 -26.46 7.38
C LYS A 37 6.28 -26.59 7.59
N GLY A 38 6.94 -25.60 8.22
CA GLY A 38 8.38 -25.59 8.44
C GLY A 38 9.28 -25.29 7.20
N ARG A 39 8.65 -25.01 6.07
CA ARG A 39 9.31 -24.36 4.92
C ARG A 39 9.80 -22.89 5.17
N GLN A 40 11.07 -22.61 4.91
CA GLN A 40 11.74 -21.30 5.16
C GLN A 40 12.57 -20.93 3.87
N LYS A 41 12.71 -19.61 3.63
CA LYS A 41 13.58 -19.15 2.51
C LYS A 41 14.01 -17.73 2.79
N VAL A 42 15.34 -17.47 2.69
CA VAL A 42 15.87 -16.07 2.79
C VAL A 42 16.72 -15.87 1.53
N VAL A 43 16.53 -14.75 0.86
CA VAL A 43 17.23 -14.46 -0.39
C VAL A 43 17.88 -13.09 -0.13
N PRO A 44 19.20 -12.95 -0.38
CA PRO A 44 19.83 -11.63 -0.14
C PRO A 44 19.55 -10.71 -1.33
N LEU A 45 19.52 -9.41 -1.09
CA LEU A 45 19.14 -8.49 -2.18
C LEU A 45 20.05 -7.26 -2.32
N THR A 46 20.15 -6.78 -3.55
CA THR A 46 21.00 -5.67 -3.84
C THR A 46 20.25 -4.51 -4.50
N ASN A 47 20.48 -3.29 -4.00
CA ASN A 47 19.99 -2.08 -4.68
C ASN A 47 18.45 -2.03 -4.58
N THR A 48 17.98 -1.97 -3.33
CA THR A 48 16.59 -2.25 -3.05
C THR A 48 16.11 -1.37 -1.92
N THR A 49 14.82 -1.39 -1.67
CA THR A 49 14.19 -0.63 -0.60
C THR A 49 13.29 -1.58 0.19
N ASN A 50 12.83 -1.14 1.34
CA ASN A 50 11.88 -1.87 2.17
C ASN A 50 10.73 -2.41 1.33
N GLN A 51 9.97 -1.52 0.67
CA GLN A 51 8.86 -2.00 -0.17
C GLN A 51 9.23 -2.93 -1.30
N LYS A 52 10.40 -2.78 -1.92
CA LYS A 52 10.79 -3.80 -2.91
C LYS A 52 11.05 -5.24 -2.28
N THR A 53 11.61 -5.24 -1.08
CA THR A 53 11.89 -6.52 -0.37
C THR A 53 10.57 -7.17 0.03
N GLU A 54 9.59 -6.38 0.56
CA GLU A 54 8.21 -6.88 0.83
C GLU A 54 7.53 -7.54 -0.41
N LEU A 55 7.63 -6.94 -1.61
CA LEU A 55 7.02 -7.54 -2.82
C LEU A 55 7.81 -8.75 -3.29
N GLN A 56 9.12 -8.67 -3.05
CA GLN A 56 10.03 -9.78 -3.42
C GLN A 56 9.64 -11.00 -2.50
N ALA A 57 9.42 -10.77 -1.20
CA ALA A 57 8.96 -11.86 -0.29
C ALA A 57 7.69 -12.51 -0.79
N ILE A 58 6.75 -11.72 -1.33
CA ILE A 58 5.51 -12.26 -1.82
C ILE A 58 5.62 -13.07 -3.06
N TYR A 59 6.40 -12.56 -4.02
CA TYR A 59 6.78 -13.27 -5.23
C TYR A 59 7.42 -14.66 -4.98
N LEU A 60 8.30 -14.72 -4.00
CA LEU A 60 8.93 -15.96 -3.58
C LEU A 60 7.86 -16.87 -3.01
N ALA A 61 6.97 -16.33 -2.16
CA ALA A 61 5.92 -17.19 -1.59
C ALA A 61 5.12 -17.84 -2.70
N LEU A 62 4.61 -17.06 -3.66
CA LEU A 62 3.89 -17.51 -4.85
C LEU A 62 4.72 -18.51 -5.70
N GLN A 63 6.01 -18.24 -5.89
CA GLN A 63 6.81 -19.16 -6.69
C GLN A 63 6.92 -20.54 -6.05
N ASP A 64 7.16 -20.58 -4.73
CA ASP A 64 7.40 -21.81 -4.01
C ASP A 64 6.15 -22.52 -3.47
N SER A 65 4.98 -21.97 -3.71
CA SER A 65 3.82 -22.49 -2.97
C SER A 65 3.17 -23.73 -3.47
N GLY A 66 2.33 -23.68 -4.49
CA GLY A 66 1.25 -24.73 -4.58
C GLY A 66 0.08 -24.00 -5.19
N LEU A 67 -0.96 -24.66 -5.72
CA LEU A 67 -2.00 -23.93 -6.47
C LEU A 67 -2.97 -23.16 -5.61
N GLU A 68 -3.13 -23.62 -4.34
CA GLU A 68 -3.89 -22.85 -3.28
C GLU A 68 -2.91 -22.37 -2.25
N VAL A 69 -3.04 -21.10 -1.85
CA VAL A 69 -2.06 -20.65 -0.88
C VAL A 69 -2.55 -19.48 -0.01
N ASN A 70 -2.08 -19.41 1.22
CA ASN A 70 -2.39 -18.30 2.09
C ASN A 70 -1.08 -17.58 2.26
N ILE A 71 -1.14 -16.25 2.14
CA ILE A 71 0.02 -15.39 2.34
C ILE A 71 -0.28 -14.34 3.37
N VAL A 72 0.60 -14.18 4.33
CA VAL A 72 0.37 -13.22 5.35
C VAL A 72 1.55 -12.27 5.33
N THR A 73 1.21 -11.01 4.99
CA THR A 73 2.11 -9.85 4.95
C THR A 73 1.80 -8.83 6.07
N ASP A 74 2.82 -8.10 6.46
CA ASP A 74 2.75 -6.85 7.24
C ASP A 74 2.91 -5.56 6.42
N SER A 75 2.85 -5.71 5.10
CA SER A 75 3.10 -4.60 4.14
C SER A 75 1.81 -4.02 3.63
N GLN A 76 1.35 -2.94 4.25
CA GLN A 76 0.26 -2.15 3.65
C GLN A 76 0.50 -1.82 2.21
N TYR A 77 1.72 -1.38 1.86
CA TYR A 77 2.07 -1.02 0.46
C TYR A 77 1.79 -2.15 -0.56
N ALA A 78 2.34 -3.36 -0.32
CA ALA A 78 2.08 -4.47 -1.20
C ALA A 78 0.63 -4.96 -1.23
N LEU A 79 -0.01 -4.95 -0.04
CA LEU A 79 -1.44 -5.25 0.07
C LEU A 79 -2.26 -4.37 -0.84
N GLY A 80 -2.00 -3.04 -0.81
CA GLY A 80 -2.80 -2.15 -1.72
C GLY A 80 -2.59 -2.62 -3.16
N ILE A 81 -1.32 -2.83 -3.56
CA ILE A 81 -1.00 -3.18 -4.97
C ILE A 81 -1.81 -4.37 -5.44
N ILE A 82 -1.75 -5.43 -4.64
CA ILE A 82 -2.35 -6.68 -4.96
C ILE A 82 -3.86 -6.56 -4.81
N GLN A 83 -4.37 -5.85 -3.80
CA GLN A 83 -5.88 -5.79 -3.66
C GLN A 83 -6.53 -4.94 -4.75
N ALA A 84 -5.73 -4.05 -5.38
CA ALA A 84 -6.28 -3.23 -6.47
C ALA A 84 -6.41 -3.98 -7.79
N GLN A 85 -5.86 -5.18 -7.81
CA GLN A 85 -5.98 -6.03 -8.99
C GLN A 85 -5.64 -5.28 -10.30
N PRO A 86 -4.42 -4.82 -10.44
CA PRO A 86 -4.02 -4.18 -11.72
C PRO A 86 -3.98 -5.21 -12.86
N ASP A 87 -4.01 -4.78 -14.12
CA ASP A 87 -3.71 -5.73 -15.21
C ASP A 87 -2.23 -5.69 -15.48
N LYS A 88 -1.67 -4.48 -15.42
CA LYS A 88 -0.26 -4.29 -15.69
C LYS A 88 0.21 -3.11 -14.89
N SER A 89 1.48 -3.15 -14.55
CA SER A 89 2.19 -2.15 -13.79
C SER A 89 3.49 -1.74 -14.55
N GLU A 90 4.07 -0.60 -14.20
CA GLU A 90 5.38 -0.25 -14.70
C GLU A 90 6.46 -1.10 -14.08
N SER A 91 6.23 -1.64 -12.87
CA SER A 91 7.29 -2.43 -12.18
C SER A 91 7.28 -3.84 -12.75
N GLU A 92 8.45 -4.27 -13.26
CA GLU A 92 8.61 -5.65 -13.75
C GLU A 92 8.22 -6.64 -12.62
N LEU A 93 8.66 -6.38 -11.40
CA LEU A 93 8.40 -7.22 -10.20
C LEU A 93 6.89 -7.40 -9.92
N VAL A 94 6.13 -6.32 -10.07
CA VAL A 94 4.70 -6.36 -9.84
C VAL A 94 4.06 -7.20 -10.93
N ASN A 95 4.48 -6.99 -12.18
CA ASN A 95 3.93 -7.76 -13.28
C ASN A 95 4.17 -9.29 -13.14
N GLN A 96 5.32 -9.65 -12.60
CA GLN A 96 5.68 -11.05 -12.31
C GLN A 96 4.77 -11.61 -11.21
N ILE A 97 4.52 -10.77 -10.20
CA ILE A 97 3.62 -11.12 -9.10
C ILE A 97 2.26 -11.36 -9.67
N ILE A 98 1.76 -10.44 -10.54
CA ILE A 98 0.47 -10.59 -11.19
C ILE A 98 0.37 -11.88 -12.02
N GLU A 99 1.47 -12.24 -12.70
CA GLU A 99 1.49 -13.44 -13.58
C GLU A 99 1.34 -14.73 -12.71
N GLN A 100 2.05 -14.74 -11.58
CA GLN A 100 1.88 -15.76 -10.52
C GLN A 100 0.47 -15.88 -10.00
N LEU A 101 -0.13 -14.74 -9.66
CA LEU A 101 -1.50 -14.70 -9.18
C LEU A 101 -2.51 -15.20 -10.24
N ILE A 102 -2.27 -14.92 -11.53
CA ILE A 102 -3.19 -15.54 -12.52
C ILE A 102 -3.05 -17.09 -12.54
N LYS A 103 -1.82 -17.58 -12.32
CA LYS A 103 -1.46 -19.00 -12.25
C LYS A 103 -2.19 -19.75 -11.13
N LYS A 104 -2.49 -19.12 -9.99
CA LYS A 104 -3.00 -19.86 -8.83
C LYS A 104 -4.47 -20.23 -8.95
N GLU A 105 -4.86 -21.28 -8.27
CA GLU A 105 -6.26 -21.61 -8.21
C GLU A 105 -6.97 -20.77 -7.14
N LYS A 106 -6.40 -20.72 -5.93
CA LYS A 106 -6.94 -19.91 -4.83
C LYS A 106 -5.78 -19.19 -4.15
N VAL A 107 -5.85 -17.86 -4.05
CA VAL A 107 -4.92 -17.20 -3.19
C VAL A 107 -5.66 -16.41 -2.16
N TYR A 108 -5.21 -16.51 -0.91
CA TYR A 108 -5.75 -15.66 0.14
C TYR A 108 -4.60 -14.84 0.69
N LEU A 109 -4.71 -13.52 0.60
CA LEU A 109 -3.67 -12.69 1.19
C LEU A 109 -4.19 -11.93 2.40
N ALA A 110 -3.52 -11.97 3.53
CA ALA A 110 -4.02 -11.19 4.65
C ALA A 110 -2.90 -10.32 5.13
N TRP A 111 -3.26 -9.31 5.92
CA TRP A 111 -2.33 -8.30 6.45
C TRP A 111 -2.30 -8.42 7.96
N VAL A 112 -1.18 -8.21 8.59
CA VAL A 112 -1.09 -8.18 10.02
C VAL A 112 -0.10 -7.08 10.29
N PRO A 113 -0.21 -6.41 11.46
CA PRO A 113 0.73 -5.40 11.87
C PRO A 113 2.08 -5.96 12.27
N ALA A 114 3.15 -5.28 11.84
CA ALA A 114 4.52 -5.58 12.22
C ALA A 114 4.74 -5.52 13.71
N HIS A 115 5.63 -6.39 14.21
CA HIS A 115 6.04 -6.35 15.62
C HIS A 115 4.88 -6.36 16.65
N LYS A 116 3.81 -7.08 16.34
CA LYS A 116 2.73 -7.25 17.35
C LYS A 116 2.53 -8.68 17.85
N GLY A 117 3.56 -9.53 17.76
CA GLY A 117 3.44 -10.85 18.38
C GLY A 117 2.75 -11.93 17.55
N ILE A 118 2.29 -11.60 16.34
CA ILE A 118 1.73 -12.60 15.40
C ILE A 118 2.86 -13.52 14.96
N GLY A 119 2.84 -14.76 15.49
CA GLY A 119 4.03 -15.60 15.59
C GLY A 119 4.75 -15.88 14.30
N GLY A 120 4.05 -16.20 13.21
CA GLY A 120 4.74 -16.44 11.95
C GLY A 120 5.39 -15.17 11.39
N ASN A 121 4.66 -14.06 11.52
CA ASN A 121 5.25 -12.77 11.11
C ASN A 121 6.53 -12.41 11.83
N GLU A 122 6.52 -12.63 13.14
CA GLU A 122 7.67 -12.34 13.97
C GLU A 122 8.86 -13.24 13.61
N GLN A 123 8.63 -14.52 13.39
CA GLN A 123 9.75 -15.40 12.91
C GLN A 123 10.37 -14.98 11.59
N VAL A 124 9.57 -14.66 10.61
CA VAL A 124 10.18 -14.26 9.35
C VAL A 124 10.90 -12.89 9.47
N ASP A 125 10.37 -11.98 10.28
CA ASP A 125 11.00 -10.68 10.52
C ASP A 125 12.42 -10.84 11.03
N LYS A 126 12.62 -11.73 12.00
CA LYS A 126 13.95 -11.99 12.55
C LYS A 126 14.89 -12.60 11.47
N LEU A 127 14.34 -13.39 10.54
CA LEU A 127 15.22 -13.97 9.50
C LEU A 127 15.66 -12.91 8.50
N VAL A 128 14.72 -12.01 8.12
CA VAL A 128 15.06 -11.06 7.07
C VAL A 128 15.78 -9.86 7.61
N SER A 129 15.63 -9.63 8.88
CA SER A 129 16.18 -8.41 9.36
C SER A 129 17.60 -8.60 9.96
N ALA A 130 18.00 -9.88 10.21
CA ALA A 130 19.35 -10.29 10.68
C ALA A 130 20.49 -9.72 9.82
N GLY A 131 21.47 -9.09 10.48
CA GLY A 131 22.49 -8.32 9.82
C GLY A 131 22.12 -7.21 8.84
N ILE A 132 20.87 -6.75 8.82
CA ILE A 132 20.42 -5.75 7.81
C ILE A 132 20.01 -4.49 8.56
N ARG A 133 19.05 -4.65 9.47
CA ARG A 133 18.66 -3.62 10.43
C ARG A 133 19.57 -3.65 11.65
N TYR B 3 0.91 7.98 -17.07
CA TYR B 3 1.32 8.97 -16.02
C TYR B 3 2.61 8.65 -15.32
N GLN B 4 3.28 9.65 -14.75
CA GLN B 4 4.51 9.44 -14.01
C GLN B 4 4.45 10.31 -12.80
N LEU B 5 5.21 9.94 -11.80
CA LEU B 5 5.29 10.68 -10.55
C LEU B 5 6.62 11.44 -10.44
N GLU B 6 6.58 12.69 -10.01
CA GLU B 6 7.78 13.48 -9.81
C GLU B 6 8.52 13.06 -8.57
N LYS B 7 9.85 13.06 -8.60
CA LYS B 7 10.54 12.57 -7.42
C LYS B 7 10.81 13.65 -6.37
N GLU B 8 10.56 14.91 -6.72
CA GLU B 8 10.69 16.05 -5.77
C GLU B 8 9.42 16.91 -5.80
N PRO B 9 9.15 17.65 -4.71
CA PRO B 9 8.00 18.55 -4.69
C PRO B 9 8.08 19.51 -5.87
N ILE B 10 6.96 19.69 -6.56
CA ILE B 10 6.88 20.65 -7.68
C ILE B 10 6.84 22.11 -7.20
N VAL B 11 7.91 22.88 -7.47
CA VAL B 11 7.96 24.31 -7.20
C VAL B 11 6.84 25.08 -7.84
N GLY B 12 6.15 25.81 -7.02
CA GLY B 12 4.98 26.53 -7.46
C GLY B 12 3.68 25.84 -7.18
N ALA B 13 3.66 24.50 -7.15
CA ALA B 13 2.43 23.73 -6.96
C ALA B 13 1.91 23.80 -5.54
N GLU B 14 0.59 23.74 -5.37
CA GLU B 14 -0.02 23.80 -4.01
C GLU B 14 0.17 22.38 -3.41
N THR B 15 0.35 22.30 -2.11
CA THR B 15 0.60 21.00 -1.37
C THR B 15 -0.67 20.58 -0.61
N PHE B 16 -1.20 19.44 -0.99
CA PHE B 16 -2.45 18.96 -0.44
C PHE B 16 -2.16 17.82 0.56
N TYR B 17 -2.53 18.01 1.82
CA TYR B 17 -2.40 16.95 2.88
C TYR B 17 -3.69 16.19 2.97
N VAL B 18 -3.62 14.91 2.65
CA VAL B 18 -4.81 14.11 2.57
C VAL B 18 -4.90 13.18 3.82
N ASP B 19 -6.14 12.85 4.12
CA ASP B 19 -6.46 11.79 5.09
C ASP B 19 -7.87 11.23 4.96
N GLY B 20 -8.06 9.99 5.46
CA GLY B 20 -9.37 9.44 5.74
C GLY B 20 -9.48 8.83 7.15
N ALA B 21 -10.73 8.55 7.54
CA ALA B 21 -10.97 7.83 8.84
C ALA B 21 -12.25 7.13 8.63
N ALA B 22 -12.31 5.83 8.96
CA ALA B 22 -13.59 5.12 8.88
C ALA B 22 -13.92 4.39 10.21
N ASN B 23 -15.21 4.25 10.48
CA ASN B 23 -15.67 3.61 11.71
C ASN B 23 -15.89 2.12 11.39
N ARG B 24 -15.06 1.32 12.03
CA ARG B 24 -15.03 -0.16 11.81
C ARG B 24 -16.45 -0.79 11.93
N GLU B 25 -17.10 -0.49 13.06
CA GLU B 25 -18.43 -0.99 13.35
C GLU B 25 -19.56 -0.40 12.46
N THR B 26 -19.61 0.93 12.32
CA THR B 26 -20.68 1.63 11.56
C THR B 26 -20.42 1.71 10.06
N LYS B 27 -19.14 1.59 9.69
CA LYS B 27 -18.69 1.70 8.25
C LYS B 27 -18.96 3.12 7.67
N LEU B 28 -19.13 4.07 8.62
CA LEU B 28 -19.22 5.50 8.27
C LEU B 28 -17.83 6.09 8.32
N GLY B 29 -17.55 6.94 7.32
CA GLY B 29 -16.22 7.60 7.32
C GLY B 29 -16.19 9.02 6.74
N LYS B 30 -14.99 9.60 6.69
CA LYS B 30 -14.83 10.86 5.97
C LYS B 30 -13.53 10.78 5.20
N ALA B 31 -13.45 11.59 4.12
CA ALA B 31 -12.19 11.75 3.44
C ALA B 31 -12.00 13.24 3.23
N GLY B 32 -10.77 13.67 3.11
CA GLY B 32 -10.57 15.15 3.03
C GLY B 32 -9.12 15.52 2.82
N TYR B 33 -8.91 16.84 2.75
CA TYR B 33 -7.60 17.42 2.61
C TYR B 33 -7.58 18.76 3.26
N VAL B 34 -6.38 19.19 3.59
CA VAL B 34 -6.04 20.55 4.06
C VAL B 34 -4.85 21.01 3.12
N THR B 35 -4.82 22.28 2.68
CA THR B 35 -3.59 22.76 1.91
C THR B 35 -2.83 23.86 2.57
N ASN B 36 -1.61 24.11 2.08
CA ASN B 36 -0.76 25.11 2.67
C ASN B 36 -1.32 26.53 2.23
N LYS B 37 -2.33 26.53 1.38
CA LYS B 37 -3.00 27.80 1.02
C LYS B 37 -4.32 28.06 1.84
N GLY B 38 -4.67 27.16 2.79
CA GLY B 38 -5.91 27.25 3.59
C GLY B 38 -7.12 26.75 2.80
N ARG B 39 -6.91 26.12 1.67
CA ARG B 39 -7.98 25.37 1.00
C ARG B 39 -8.27 24.08 1.84
N GLN B 40 -9.54 23.65 1.83
CA GLN B 40 -9.93 22.37 2.59
C GLN B 40 -11.20 21.78 2.04
N LYS B 41 -11.32 20.47 2.18
CA LYS B 41 -12.54 19.73 1.93
C LYS B 41 -12.60 18.52 2.88
N VAL B 42 -13.81 18.28 3.42
CA VAL B 42 -14.13 17.05 4.16
C VAL B 42 -15.44 16.55 3.53
N VAL B 43 -15.48 15.27 3.17
CA VAL B 43 -16.68 14.69 2.54
C VAL B 43 -17.06 13.47 3.41
N PRO B 44 -18.36 13.25 3.65
CA PRO B 44 -18.82 12.14 4.50
C PRO B 44 -18.95 10.86 3.71
N LEU B 45 -18.51 9.71 4.25
CA LEU B 45 -18.74 8.51 3.45
C LEU B 45 -19.51 7.43 4.24
N THR B 46 -20.26 6.68 3.49
CA THR B 46 -21.11 5.55 3.96
C THR B 46 -20.58 4.17 3.42
N ASN B 47 -20.52 3.13 4.29
CA ASN B 47 -20.25 1.74 3.79
C ASN B 47 -18.81 1.67 3.10
N THR B 48 -17.78 1.85 3.92
CA THR B 48 -16.41 2.20 3.48
C THR B 48 -15.43 1.74 4.57
N THR B 49 -14.13 1.85 4.28
CA THR B 49 -13.06 1.31 5.12
C THR B 49 -12.08 2.38 5.15
N ASN B 50 -11.10 2.31 6.07
CA ASN B 50 -10.08 3.30 6.12
C ASN B 50 -9.30 3.47 4.79
N GLN B 51 -9.11 2.37 4.03
CA GLN B 51 -8.29 2.36 2.80
C GLN B 51 -9.07 3.05 1.68
N LYS B 52 -10.38 2.79 1.68
CA LYS B 52 -11.29 3.46 0.74
C LYS B 52 -11.34 4.96 1.07
N THR B 53 -11.25 5.26 2.36
CA THR B 53 -11.27 6.67 2.69
C THR B 53 -9.95 7.42 2.27
N GLU B 54 -8.84 6.68 2.22
CA GLU B 54 -7.55 7.32 2.02
C GLU B 54 -7.43 7.59 0.55
N LEU B 55 -7.95 6.65 -0.23
CA LEU B 55 -8.02 6.71 -1.65
C LEU B 55 -9.03 7.76 -2.18
N GLN B 56 -10.18 7.82 -1.51
CA GLN B 56 -11.14 8.90 -1.73
C GLN B 56 -10.57 10.32 -1.55
N ALA B 57 -9.83 10.50 -0.46
CA ALA B 57 -9.14 11.74 -0.15
C ALA B 57 -8.13 12.16 -1.24
N ILE B 58 -7.33 11.21 -1.72
CA ILE B 58 -6.45 11.49 -2.83
C ILE B 58 -7.24 11.96 -4.08
N TYR B 59 -8.31 11.28 -4.42
CA TYR B 59 -9.13 11.66 -5.55
C TYR B 59 -9.66 13.12 -5.39
N LEU B 60 -10.03 13.49 -4.15
CA LEU B 60 -10.55 14.86 -3.84
C LEU B 60 -9.44 15.88 -4.09
N ALA B 61 -8.25 15.56 -3.62
CA ALA B 61 -7.10 16.42 -3.86
C ALA B 61 -6.78 16.57 -5.35
N LEU B 62 -6.87 15.51 -6.12
CA LEU B 62 -6.63 15.64 -7.54
C LEU B 62 -7.75 16.44 -8.27
N GLN B 63 -8.99 16.11 -7.89
CA GLN B 63 -10.15 16.83 -8.38
C GLN B 63 -10.05 18.31 -8.25
N ASP B 64 -9.66 18.76 -7.08
CA ASP B 64 -9.65 20.18 -6.74
C ASP B 64 -8.33 20.91 -6.87
N SER B 65 -7.46 20.22 -7.52
CA SER B 65 -6.14 20.86 -7.49
C SER B 65 -5.83 21.85 -8.56
N GLY B 66 -5.47 21.46 -9.76
CA GLY B 66 -4.60 22.37 -10.60
C GLY B 66 -3.75 21.43 -11.39
N LEU B 67 -3.05 21.84 -12.46
CA LEU B 67 -2.36 20.87 -13.33
C LEU B 67 -1.06 20.32 -12.75
N GLU B 68 -0.52 21.06 -11.82
CA GLU B 68 0.52 20.58 -10.96
C GLU B 68 0.06 20.49 -9.45
N VAL B 69 0.51 19.42 -8.76
CA VAL B 69 0.08 19.20 -7.35
C VAL B 69 1.05 18.33 -6.54
N ASN B 70 1.29 18.74 -5.32
CA ASN B 70 2.10 18.00 -4.33
C ASN B 70 1.03 17.41 -3.41
N ILE B 71 1.00 16.06 -3.28
CA ILE B 71 0.08 15.38 -2.31
C ILE B 71 0.92 14.63 -1.24
N VAL B 72 0.64 14.90 0.04
CA VAL B 72 1.17 14.11 1.17
C VAL B 72 0.11 13.24 1.87
N THR B 73 0.29 11.91 1.80
CA THR B 73 -0.57 10.92 2.44
C THR B 73 0.17 10.30 3.61
N ASP B 74 -0.57 9.68 4.53
CA ASP B 74 0.06 8.71 5.47
C ASP B 74 -0.36 7.26 5.17
N SER B 75 -1.02 7.05 4.06
CA SER B 75 -1.47 5.70 3.62
C SER B 75 -0.45 5.01 2.70
N GLN B 76 0.23 3.99 3.29
CA GLN B 76 1.16 3.10 2.61
C GLN B 76 0.41 2.37 1.54
N TYR B 77 -0.85 2.05 1.80
CA TYR B 77 -1.71 1.28 0.88
C TYR B 77 -1.98 2.04 -0.42
N ALA B 78 -2.42 3.28 -0.29
CA ALA B 78 -2.67 4.11 -1.46
C ALA B 78 -1.32 4.48 -2.13
N LEU B 79 -0.27 4.72 -1.33
CA LEU B 79 1.05 4.98 -1.93
C LEU B 79 1.45 3.82 -2.86
N GLY B 80 1.29 2.58 -2.40
CA GLY B 80 1.65 1.38 -3.20
C GLY B 80 0.93 1.30 -4.50
N ILE B 81 -0.40 1.53 -4.43
CA ILE B 81 -1.28 1.42 -5.65
C ILE B 81 -0.82 2.49 -6.68
N ILE B 82 -0.56 3.68 -6.24
CA ILE B 82 -0.26 4.79 -7.14
C ILE B 82 1.22 4.67 -7.63
N GLN B 83 2.17 4.31 -6.76
CA GLN B 83 3.57 4.07 -7.24
C GLN B 83 3.72 2.89 -8.17
N ALA B 84 2.74 2.00 -8.16
CA ALA B 84 2.75 0.88 -9.08
C ALA B 84 2.40 1.25 -10.54
N GLN B 85 1.88 2.47 -10.75
CA GLN B 85 1.44 2.89 -12.08
C GLN B 85 0.64 1.84 -12.82
N PRO B 86 -0.53 1.46 -12.30
CA PRO B 86 -1.30 0.47 -13.04
C PRO B 86 -1.95 1.10 -14.28
N ASP B 87 -2.17 0.30 -15.32
CA ASP B 87 -2.99 0.79 -16.45
C ASP B 87 -4.46 0.72 -16.08
N LYS B 88 -4.84 -0.35 -15.42
CA LYS B 88 -6.21 -0.50 -15.04
C LYS B 88 -6.31 -1.17 -13.70
N SER B 89 -7.43 -0.93 -13.03
CA SER B 89 -7.76 -1.56 -11.75
C SER B 89 -9.18 -2.14 -11.79
N GLU B 90 -9.46 -3.11 -10.92
CA GLU B 90 -10.83 -3.61 -10.73
C GLU B 90 -11.67 -2.58 -9.97
N SER B 91 -11.04 -1.73 -9.18
CA SER B 91 -11.79 -0.75 -8.36
C SER B 91 -12.08 0.51 -9.17
N GLU B 92 -13.36 0.86 -9.27
CA GLU B 92 -13.78 2.07 -10.04
C GLU B 92 -13.13 3.35 -9.48
N LEU B 93 -13.06 3.46 -8.14
CA LEU B 93 -12.38 4.53 -7.43
C LEU B 93 -10.92 4.62 -7.89
N VAL B 94 -10.22 3.49 -7.90
CA VAL B 94 -8.85 3.46 -8.44
C VAL B 94 -8.76 4.00 -9.84
N ASN B 95 -9.60 3.49 -10.77
CA ASN B 95 -9.61 3.91 -12.18
C ASN B 95 -9.92 5.41 -12.28
N GLN B 96 -10.79 5.93 -11.42
CA GLN B 96 -11.06 7.39 -11.41
C GLN B 96 -9.80 8.18 -11.02
N ILE B 97 -9.06 7.65 -10.06
CA ILE B 97 -7.81 8.28 -9.64
C ILE B 97 -6.76 8.24 -10.77
N ILE B 98 -6.71 7.14 -11.51
CA ILE B 98 -5.77 6.95 -12.66
C ILE B 98 -5.99 8.02 -13.76
N GLU B 99 -7.22 8.06 -14.23
CA GLU B 99 -7.77 9.08 -15.13
C GLU B 99 -7.36 10.49 -14.68
N GLN B 100 -7.65 10.85 -13.43
CA GLN B 100 -7.15 12.13 -12.83
C GLN B 100 -5.67 12.36 -12.93
N LEU B 101 -4.88 11.32 -12.61
CA LEU B 101 -3.42 11.42 -12.59
C LEU B 101 -2.87 11.65 -14.02
N ILE B 102 -3.54 11.05 -15.00
CA ILE B 102 -3.16 11.14 -16.40
C ILE B 102 -3.45 12.55 -16.94
N LYS B 103 -4.55 13.17 -16.51
CA LYS B 103 -4.95 14.51 -16.96
C LYS B 103 -4.07 15.56 -16.35
N LYS B 104 -3.34 15.23 -15.27
CA LYS B 104 -2.42 16.16 -14.65
C LYS B 104 -1.11 16.31 -15.51
N GLU B 105 -0.47 17.47 -15.41
CA GLU B 105 0.89 17.69 -15.94
C GLU B 105 1.98 17.20 -15.02
N LYS B 106 1.94 17.58 -13.75
CA LYS B 106 2.94 17.10 -12.80
C LYS B 106 2.29 16.76 -11.45
N VAL B 107 2.50 15.52 -11.01
CA VAL B 107 2.10 15.11 -9.66
C VAL B 107 3.26 14.58 -8.79
N TYR B 108 3.44 15.17 -7.61
CA TYR B 108 4.32 14.60 -6.67
C TYR B 108 3.50 14.02 -5.49
N LEU B 109 3.75 12.75 -5.19
CA LEU B 109 3.16 12.12 -4.04
C LEU B 109 4.17 11.68 -2.97
N ALA B 110 4.06 12.19 -1.74
CA ALA B 110 5.01 11.85 -0.68
C ALA B 110 4.24 11.11 0.47
N TRP B 111 4.95 10.28 1.22
CA TRP B 111 4.34 9.64 2.40
C TRP B 111 5.00 10.14 3.67
N VAL B 112 4.18 10.26 4.69
CA VAL B 112 4.64 10.75 5.97
C VAL B 112 3.95 9.82 6.98
N PRO B 113 4.59 9.52 8.13
CA PRO B 113 3.85 8.64 9.03
C PRO B 113 2.70 9.36 9.78
N ALA B 114 1.57 8.67 9.97
CA ALA B 114 0.46 9.18 10.78
C ALA B 114 0.82 9.44 12.23
N HIS B 115 0.33 10.53 12.74
CA HIS B 115 0.38 10.84 14.17
C HIS B 115 1.78 11.00 14.72
N LYS B 116 2.61 11.66 13.93
CA LYS B 116 3.96 11.94 14.30
C LYS B 116 4.28 13.45 14.15
N GLY B 117 3.28 14.32 14.13
CA GLY B 117 3.55 15.77 14.15
C GLY B 117 3.92 16.47 12.83
N ILE B 118 3.62 15.83 11.69
CA ILE B 118 3.69 16.52 10.42
C ILE B 118 2.41 17.39 10.37
N GLY B 119 2.61 18.72 10.44
CA GLY B 119 1.55 19.69 10.75
C GLY B 119 0.36 19.56 9.83
N GLY B 120 0.62 19.42 8.53
CA GLY B 120 -0.50 19.37 7.59
C GLY B 120 -1.24 18.05 7.71
N ASN B 121 -0.48 16.95 7.88
CA ASN B 121 -1.10 15.64 8.05
C ASN B 121 -1.99 15.65 9.33
N GLU B 122 -1.42 16.18 10.38
CA GLU B 122 -2.07 16.27 11.68
C GLU B 122 -3.35 17.19 11.62
N GLN B 123 -3.26 18.32 10.92
CA GLN B 123 -4.47 19.18 10.66
C GLN B 123 -5.60 18.41 9.99
N VAL B 124 -5.32 17.70 8.87
CA VAL B 124 -6.34 16.99 8.16
C VAL B 124 -6.83 15.70 8.94
N ASP B 125 -5.95 15.06 9.73
CA ASP B 125 -6.39 13.92 10.52
C ASP B 125 -7.55 14.40 11.50
N LYS B 126 -7.31 15.48 12.25
CA LYS B 126 -8.39 16.10 13.09
C LYS B 126 -9.70 16.26 12.39
N LEU B 127 -9.69 16.81 11.18
CA LEU B 127 -10.95 17.07 10.49
C LEU B 127 -11.69 15.84 10.01
N VAL B 128 -10.96 14.88 9.44
CA VAL B 128 -11.62 13.72 8.85
C VAL B 128 -12.07 12.70 9.97
N SER B 129 -11.41 12.76 11.10
CA SER B 129 -11.63 11.75 12.09
C SER B 129 -12.71 12.23 13.14
N ALA B 130 -12.88 13.57 13.29
CA ALA B 130 -14.09 14.19 13.96
C ALA B 130 -15.44 13.48 13.73
N GLY B 131 -16.02 12.97 14.80
CA GLY B 131 -17.29 12.28 14.71
C GLY B 131 -17.29 10.91 14.08
N ILE B 132 -16.10 10.36 13.90
CA ILE B 132 -15.85 9.05 13.29
C ILE B 132 -15.02 8.22 14.32
N ARG B 133 -13.92 8.76 14.82
CA ARG B 133 -13.28 8.18 16.02
C ARG B 133 -13.88 8.80 17.28
MN MN C . 7.69 -5.75 6.90
MN MN D . 9.96 -6.81 9.68
C1 JTH E . 8.89 -4.13 9.04
O1 JTH E . 8.85 -5.24 8.49
C2 JTH E . 9.69 -3.90 10.12
O2 JTH E . 10.34 -4.92 10.69
C3 JTH E . 9.87 -2.75 10.82
C4 JTH E . 9.40 -1.50 10.66
C5 JTH E . 8.55 -1.15 9.69
C6 JTH E . 7.98 -1.86 8.70
C7 JTH E . 8.18 -3.16 8.39
O7 JTH E . 7.50 -3.58 7.35
C41 JTH E . 11.27 -0.08 11.73
C42 JTH E . 9.79 -0.39 11.68
C43 JTH E . 9.30 -0.74 13.11
MN MN F . -4.46 7.95 7.38
MN MN G . -5.47 9.95 10.39
C1 JTH H . -4.62 7.02 10.37
O1 JTH H . -4.91 7.98 9.66
C2 JTH H . -4.81 7.14 11.71
O2 JTH H . -5.24 8.29 12.29
C3 JTH H . -4.56 6.18 12.66
C4 JTH H . -4.08 4.93 12.61
C5 JTH H . -3.74 4.29 11.46
C6 JTH H . -3.74 4.72 10.21
C7 JTH H . -4.11 5.92 9.69
O7 JTH H . -4.03 5.93 8.35
C41 JTH H . -5.35 3.47 14.12
C42 JTH H . -3.95 4.09 13.90
C43 JTH H . -3.52 4.87 15.13
#